data_7MGR
#
_entry.id   7MGR
#
_cell.length_a   99.398
_cell.length_b   81.982
_cell.length_c   52.123
_cell.angle_alpha   90.000
_cell.angle_beta   114.840
_cell.angle_gamma   90.000
#
_symmetry.space_group_name_H-M   'C 1 2 1'
#
loop_
_entity.id
_entity.type
_entity.pdbx_description
1 polymer '3C-like proteinase'
2 polymer ALA-VAL-LYS-LEU-GLN-ASN-ASN-GLU
3 water water
#
loop_
_entity_poly.entity_id
_entity_poly.type
_entity_poly.pdbx_seq_one_letter_code
_entity_poly.pdbx_strand_id
1 'polypeptide(L)'
;SGFRKMAFPSGKVEGCMVQVTCGTTTLNGLWLDDVVYCPRHVICTSEDMLNPNYEDLLIRKSNHNFLVQAGNVQLRVIGH
SMQNCVLKLKVDTANPKTPKYKFVRIQPGQTFSVLACYNGSPSGVYQCAMRPNFTIKGSFLNGSAGSVGFNIDYDCVSFC
YMHHMELPTGVHAGTDLEGNFYGPFVDRQTAQAAGTDTTITVNVLAWLYAAVINGDRWFLNRFTTTLNDFNLVAMKYNYE
PLTQDHVDILGPLSAQTGIAVLDMCASLKELLQNGMNGRTILGSALLEDEFTPFDVVRQCSGVTFQ
;
A
2 'polypeptide(L)' AVKLQNNEL B
#
# COMPACT_ATOMS: atom_id res chain seq x y z
N SER A 1 7.89 -11.18 -22.61
CA SER A 1 7.79 -12.04 -21.43
C SER A 1 8.67 -11.53 -20.28
N GLY A 2 8.78 -12.32 -19.21
CA GLY A 2 9.35 -11.87 -17.96
C GLY A 2 8.27 -11.35 -17.03
N PHE A 3 8.55 -11.38 -15.73
CA PHE A 3 7.58 -10.95 -14.72
C PHE A 3 8.33 -10.23 -13.61
N ARG A 4 8.02 -8.95 -13.48
CA ARG A 4 8.66 -8.11 -12.45
C ARG A 4 7.57 -7.40 -11.63
N LYS A 5 7.97 -7.05 -10.41
CA LYS A 5 7.14 -6.23 -9.51
C LYS A 5 7.18 -4.83 -10.10
N MET A 6 6.09 -4.43 -10.70
CA MET A 6 6.03 -3.19 -11.47
C MET A 6 5.09 -2.17 -10.85
N ALA A 7 5.58 -0.95 -10.65
CA ALA A 7 4.77 0.14 -10.14
C ALA A 7 4.12 0.89 -11.30
N PHE A 8 3.12 1.70 -10.96
CA PHE A 8 2.57 2.59 -11.96
C PHE A 8 3.54 3.75 -12.22
N PRO A 9 3.58 4.29 -13.44
CA PRO A 9 4.34 5.53 -13.68
C PRO A 9 3.87 6.60 -12.72
N SER A 10 4.81 7.34 -12.15
CA SER A 10 4.55 8.18 -10.99
C SER A 10 4.48 9.68 -11.31
N GLY A 11 4.63 10.06 -12.59
CA GLY A 11 4.64 11.48 -12.94
C GLY A 11 3.45 12.27 -12.41
N LYS A 12 2.24 11.74 -12.61
CA LYS A 12 1.03 12.46 -12.19
C LYS A 12 1.00 12.69 -10.69
N VAL A 13 1.63 11.83 -9.90
CA VAL A 13 1.65 12.01 -8.45
C VAL A 13 2.81 12.89 -8.00
N GLU A 14 3.95 12.82 -8.70
CA GLU A 14 5.10 13.66 -8.38
C GLU A 14 4.74 15.14 -8.40
N GLY A 15 3.89 15.55 -9.33
CA GLY A 15 3.56 16.96 -9.44
C GLY A 15 2.62 17.46 -8.38
N CYS A 16 2.21 16.58 -7.47
CA CYS A 16 1.32 16.94 -6.37
C CYS A 16 2.03 17.02 -5.04
N MET A 17 3.32 16.73 -4.98
CA MET A 17 3.94 16.46 -3.70
C MET A 17 4.53 17.77 -3.18
N VAL A 18 4.23 18.11 -1.93
CA VAL A 18 4.73 19.33 -1.31
C VAL A 18 5.35 18.98 0.03
N GLN A 19 6.07 19.95 0.60
CA GLN A 19 6.61 19.87 1.95
C GLN A 19 5.75 20.70 2.89
N VAL A 20 5.49 20.18 4.10
CA VAL A 20 4.72 20.86 5.14
C VAL A 20 5.54 20.88 6.42
N THR A 21 5.71 22.07 7.01
CA THR A 21 6.49 22.24 8.22
C THR A 21 5.71 23.02 9.28
N CYS A 22 5.73 22.51 10.52
CA CYS A 22 5.24 23.20 11.72
C CYS A 22 6.40 23.26 12.69
N GLY A 23 7.01 24.44 12.81
CA GLY A 23 8.11 24.60 13.74
C GLY A 23 9.30 23.77 13.31
N THR A 24 9.65 22.75 14.10
CA THR A 24 10.73 21.85 13.72
C THR A 24 10.24 20.48 13.26
N THR A 25 8.95 20.31 13.02
CA THR A 25 8.41 19.04 12.54
C THR A 25 8.04 19.20 11.08
N THR A 26 8.57 18.30 10.23
CA THR A 26 8.32 18.40 8.81
C THR A 26 8.00 17.03 8.21
N LEU A 27 7.20 17.07 7.17
CA LEU A 27 6.79 15.87 6.40
C LEU A 27 6.25 16.28 5.03
N ASN A 28 5.65 15.33 4.36
CA ASN A 28 5.14 15.52 3.01
C ASN A 28 3.64 15.76 3.02
N GLY A 29 3.19 16.53 2.04
CA GLY A 29 1.79 16.75 1.83
C GLY A 29 1.42 16.51 0.38
N LEU A 30 0.11 16.37 0.15
CA LEU A 30 -0.42 16.05 -1.17
C LEU A 30 -1.31 17.23 -1.58
N TRP A 31 -0.95 17.89 -2.68
CA TRP A 31 -1.52 19.18 -3.09
C TRP A 31 -2.39 18.93 -4.33
N LEU A 32 -3.71 19.01 -4.14
CA LEU A 32 -4.70 18.80 -5.20
C LEU A 32 -5.66 19.98 -5.22
N ASP A 33 -5.83 20.58 -6.40
CA ASP A 33 -6.62 21.83 -6.51
C ASP A 33 -6.06 22.78 -5.46
N ASP A 34 -6.89 23.35 -4.58
CA ASP A 34 -6.41 24.34 -3.61
C ASP A 34 -6.34 23.79 -2.19
N VAL A 35 -6.11 22.48 -2.02
CA VAL A 35 -6.01 21.85 -0.69
C VAL A 35 -4.73 21.04 -0.60
N VAL A 36 -4.04 21.14 0.53
CA VAL A 36 -2.92 20.26 0.83
C VAL A 36 -3.35 19.32 1.95
N TYR A 37 -3.24 18.00 1.69
CA TYR A 37 -3.56 16.96 2.66
C TYR A 37 -2.26 16.44 3.27
N CYS A 38 -2.23 16.25 4.59
CA CYS A 38 -1.01 15.74 5.21
C CYS A 38 -1.36 15.07 6.52
N PRO A 39 -0.46 14.22 7.04
CA PRO A 39 -0.71 13.60 8.35
C PRO A 39 -0.81 14.65 9.45
N ARG A 40 -1.75 14.45 10.37
CA ARG A 40 -1.97 15.46 11.39
C ARG A 40 -0.84 15.54 12.41
N HIS A 41 -0.06 14.47 12.58
CA HIS A 41 0.99 14.55 13.58
C HIS A 41 2.10 15.54 13.22
N VAL A 42 2.00 16.25 12.09
CA VAL A 42 2.89 17.38 11.81
C VAL A 42 2.72 18.51 12.83
N ILE A 43 1.60 18.56 13.56
CA ILE A 43 1.42 19.61 14.57
C ILE A 43 1.92 19.18 15.94
N CYS A 44 2.45 17.97 16.08
CA CYS A 44 3.06 17.58 17.34
C CYS A 44 4.48 18.07 17.45
N THR A 45 4.86 18.45 18.66
CA THR A 45 6.24 18.60 19.04
C THR A 45 6.80 17.24 19.43
N SER A 46 8.14 17.15 19.46
CA SER A 46 8.82 15.91 19.79
C SER A 46 8.31 15.28 21.10
N GLU A 47 8.06 16.11 22.12
CA GLU A 47 7.64 15.58 23.41
C GLU A 47 6.12 15.43 23.53
N ASP A 48 5.36 15.91 22.56
CA ASP A 48 3.93 15.76 22.59
C ASP A 48 3.45 14.58 21.73
N MET A 49 4.31 13.61 21.45
CA MET A 49 3.95 12.50 20.56
C MET A 49 3.58 11.22 21.30
N LEU A 50 3.64 11.21 22.63
CA LEU A 50 3.24 9.98 23.33
C LEU A 50 1.73 9.90 23.50
N ASN A 51 1.05 11.02 23.73
CA ASN A 51 -0.41 11.06 23.67
C ASN A 51 -0.86 12.48 23.32
N PRO A 52 -0.68 12.89 22.08
CA PRO A 52 -1.07 14.25 21.70
C PRO A 52 -2.57 14.40 21.81
N ASN A 53 -3.00 15.56 22.31
CA ASN A 53 -4.40 15.94 22.16
C ASN A 53 -4.50 16.84 20.95
N TYR A 54 -4.89 16.25 19.83
CA TYR A 54 -4.78 16.96 18.56
C TYR A 54 -5.75 18.13 18.50
N GLU A 55 -6.86 18.07 19.25
CA GLU A 55 -7.74 19.23 19.39
C GLU A 55 -7.09 20.43 20.09
N ASP A 56 -6.51 20.28 21.33
CA ASP A 56 -5.54 21.32 21.76
C ASP A 56 -4.74 21.88 20.62
N LEU A 57 -3.84 21.03 20.12
CA LEU A 57 -2.76 21.51 19.29
C LEU A 57 -3.29 22.31 18.12
N LEU A 58 -4.40 21.86 17.53
CA LEU A 58 -4.90 22.53 16.33
C LEU A 58 -5.54 23.87 16.65
N ILE A 59 -6.28 23.95 17.76
CA ILE A 59 -6.93 25.22 18.07
C ILE A 59 -5.88 26.28 18.41
N ARG A 60 -4.75 25.88 18.99
CA ARG A 60 -3.65 26.78 19.32
C ARG A 60 -2.77 27.15 18.14
N LYS A 61 -3.03 26.64 16.94
CA LYS A 61 -2.27 26.97 15.75
C LYS A 61 -3.02 28.04 14.96
N SER A 62 -2.29 28.76 14.12
CA SER A 62 -2.89 29.69 13.17
C SER A 62 -2.34 29.41 11.77
N ASN A 63 -3.05 29.91 10.75
CA ASN A 63 -2.65 29.69 9.36
C ASN A 63 -1.15 29.96 9.12
N HIS A 64 -0.66 31.11 9.59
CA HIS A 64 0.74 31.46 9.34
C HIS A 64 1.73 30.51 10.01
N ASN A 65 1.27 29.57 10.87
CA ASN A 65 2.13 28.56 11.45
C ASN A 65 2.51 27.46 10.44
N PHE A 66 1.71 27.26 9.40
CA PHE A 66 1.92 26.19 8.44
C PHE A 66 2.77 26.68 7.26
N LEU A 67 4.02 26.19 7.19
CA LEU A 67 4.90 26.45 6.05
C LEU A 67 4.74 25.34 5.03
N VAL A 68 4.22 25.68 3.84
CA VAL A 68 4.04 24.73 2.74
C VAL A 68 4.96 25.17 1.60
N GLN A 69 5.96 24.33 1.28
CA GLN A 69 6.86 24.55 0.14
C GLN A 69 6.49 23.63 -1.02
N ALA A 70 6.28 24.20 -2.20
CA ALA A 70 6.09 23.44 -3.44
C ALA A 70 7.37 23.63 -4.25
N GLY A 71 8.43 22.91 -3.85
CA GLY A 71 9.75 23.14 -4.40
C GLY A 71 10.37 24.40 -3.83
N ASN A 72 10.56 25.41 -4.68
CA ASN A 72 11.03 26.71 -4.20
C ASN A 72 9.89 27.63 -3.81
N VAL A 73 8.73 27.47 -4.45
CA VAL A 73 7.59 28.35 -4.21
C VAL A 73 7.03 28.08 -2.82
N GLN A 74 7.05 29.08 -1.95
CA GLN A 74 6.26 28.97 -0.73
C GLN A 74 4.78 29.15 -1.06
N LEU A 75 3.94 28.32 -0.42
CA LEU A 75 2.50 28.44 -0.54
C LEU A 75 1.89 29.00 0.74
N ARG A 76 1.06 30.02 0.56
CA ARG A 76 0.24 30.62 1.60
C ARG A 76 -0.94 29.77 2.03
N VAL A 77 -0.98 29.42 3.32
CA VAL A 77 -2.13 28.78 3.94
C VAL A 77 -3.16 29.84 4.31
N ILE A 78 -4.43 29.61 3.92
CA ILE A 78 -5.51 30.55 4.13
C ILE A 78 -6.68 29.86 4.82
N GLY A 79 -6.44 28.66 5.35
CA GLY A 79 -7.46 27.91 6.08
C GLY A 79 -6.95 26.54 6.47
N HIS A 80 -7.36 26.05 7.64
CA HIS A 80 -6.90 24.75 8.10
C HIS A 80 -8.02 24.04 8.84
N SER A 81 -8.07 22.72 8.66
CA SER A 81 -9.12 21.88 9.18
C SER A 81 -8.53 20.54 9.53
N MET A 82 -9.19 19.80 10.41
CA MET A 82 -8.75 18.44 10.61
C MET A 82 -9.85 17.50 10.15
N GLN A 83 -9.48 16.42 9.47
CA GLN A 83 -10.42 15.37 9.11
C GLN A 83 -9.86 14.04 9.55
N ASN A 84 -10.41 13.51 10.65
CA ASN A 84 -9.91 12.28 11.25
C ASN A 84 -8.41 12.42 11.48
N CYS A 85 -7.54 11.61 10.87
CA CYS A 85 -6.11 11.74 11.15
C CYS A 85 -5.33 12.53 10.08
N VAL A 86 -5.99 13.22 9.16
CA VAL A 86 -5.24 14.10 8.27
C VAL A 86 -5.69 15.54 8.49
N LEU A 87 -4.81 16.47 8.06
CA LEU A 87 -5.14 17.88 8.00
C LEU A 87 -5.44 18.22 6.55
N LYS A 88 -6.42 19.09 6.36
CA LYS A 88 -6.67 19.72 5.07
C LYS A 88 -6.26 21.19 5.22
N LEU A 89 -5.15 21.57 4.58
CA LEU A 89 -4.63 22.93 4.64
C LEU A 89 -5.11 23.59 3.36
N LYS A 90 -6.10 24.48 3.47
CA LYS A 90 -6.48 25.24 2.27
C LYS A 90 -5.36 26.21 1.84
N VAL A 91 -5.13 26.29 0.54
CA VAL A 91 -4.13 27.25 0.12
C VAL A 91 -4.68 28.16 -0.97
N ASP A 92 -3.98 29.27 -1.16
CA ASP A 92 -4.51 30.25 -2.10
C ASP A 92 -4.36 29.79 -3.55
N THR A 93 -3.44 28.88 -3.84
CA THR A 93 -3.04 28.63 -5.21
C THR A 93 -3.50 27.22 -5.57
N ALA A 94 -4.33 27.09 -6.60
CA ALA A 94 -4.72 25.76 -7.03
C ALA A 94 -3.57 25.12 -7.81
N ASN A 95 -3.37 23.82 -7.60
CA ASN A 95 -2.27 23.11 -8.26
C ASN A 95 -2.54 22.96 -9.74
N PRO A 96 -1.81 23.64 -10.62
CA PRO A 96 -2.06 23.50 -12.06
C PRO A 96 -1.86 22.07 -12.56
N LYS A 97 -1.06 21.29 -11.84
CA LYS A 97 -0.76 19.91 -12.21
C LYS A 97 -1.73 18.90 -11.60
N THR A 98 -2.88 19.35 -11.07
CA THR A 98 -3.80 18.39 -10.46
C THR A 98 -4.34 17.41 -11.49
N PRO A 99 -4.09 16.12 -11.35
CA PRO A 99 -4.65 15.15 -12.30
C PRO A 99 -6.10 14.86 -11.95
N LYS A 100 -6.77 14.13 -12.82
CA LYS A 100 -8.08 13.64 -12.42
C LYS A 100 -7.86 12.56 -11.35
N TYR A 101 -8.65 12.60 -10.28
CA TYR A 101 -8.32 11.75 -9.14
C TYR A 101 -9.55 11.33 -8.38
N LYS A 102 -9.35 10.33 -7.51
CA LYS A 102 -10.40 9.76 -6.67
C LYS A 102 -9.73 9.36 -5.36
N PHE A 103 -10.47 9.44 -4.25
CA PHE A 103 -10.07 8.85 -2.99
C PHE A 103 -10.84 7.56 -2.82
N VAL A 104 -10.14 6.42 -2.80
CA VAL A 104 -10.75 5.12 -2.63
C VAL A 104 -10.06 4.46 -1.45
N ARG A 105 -10.80 3.64 -0.73
CA ARG A 105 -10.21 2.80 0.30
C ARG A 105 -10.06 1.39 -0.26
N ILE A 106 -8.90 0.79 -0.08
CA ILE A 106 -8.67 -0.52 -0.67
C ILE A 106 -8.90 -1.60 0.38
N GLN A 107 -8.95 -2.83 -0.08
CA GLN A 107 -9.14 -4.07 0.67
C GLN A 107 -7.81 -4.78 0.87
N PRO A 108 -7.64 -5.44 2.02
CA PRO A 108 -6.49 -6.34 2.19
C PRO A 108 -6.40 -7.30 1.01
N GLY A 109 -5.17 -7.53 0.56
CA GLY A 109 -4.93 -8.35 -0.60
C GLY A 109 -4.79 -7.58 -1.90
N GLN A 110 -5.15 -6.29 -1.92
CA GLN A 110 -5.03 -5.47 -3.12
C GLN A 110 -3.69 -4.74 -3.09
N THR A 111 -3.14 -4.44 -4.27
CA THR A 111 -1.83 -3.81 -4.38
C THR A 111 -1.95 -2.34 -4.77
N PHE A 112 -0.86 -1.60 -4.58
CA PHE A 112 -0.81 -0.22 -5.04
C PHE A 112 0.65 0.21 -5.17
N SER A 113 0.86 1.31 -5.89
CA SER A 113 2.19 1.89 -5.98
C SER A 113 2.39 2.95 -4.91
N VAL A 114 3.60 3.00 -4.36
CA VAL A 114 4.02 3.97 -3.35
C VAL A 114 5.09 4.86 -3.97
N LEU A 115 4.87 6.17 -3.92
CA LEU A 115 5.91 7.16 -4.24
C LEU A 115 6.47 7.65 -2.93
N ALA A 116 7.64 7.13 -2.55
CA ALA A 116 8.28 7.57 -1.32
C ALA A 116 8.93 8.92 -1.54
N CYS A 117 8.66 9.85 -0.61
CA CYS A 117 9.22 11.20 -0.67
C CYS A 117 9.81 11.62 0.68
N TYR A 118 10.73 12.58 0.59
CA TYR A 118 11.37 13.20 1.74
C TYR A 118 11.43 14.70 1.48
N ASN A 119 10.92 15.49 2.43
CA ASN A 119 10.99 16.94 2.37
C ASN A 119 10.32 17.46 1.10
N GLY A 120 9.17 16.86 0.76
CA GLY A 120 8.45 17.18 -0.46
C GLY A 120 9.08 16.70 -1.74
N SER A 121 10.19 15.96 -1.69
CA SER A 121 10.86 15.53 -2.93
C SER A 121 10.76 14.03 -3.16
N PRO A 122 10.15 13.60 -4.27
CA PRO A 122 10.06 12.17 -4.60
C PRO A 122 11.43 11.51 -4.65
N SER A 123 11.53 10.37 -3.98
CA SER A 123 12.77 9.61 -3.84
C SER A 123 12.75 8.28 -4.60
N GLY A 124 11.60 7.62 -4.70
CA GLY A 124 11.54 6.32 -5.35
C GLY A 124 10.11 5.85 -5.47
N VAL A 125 9.91 4.86 -6.36
CA VAL A 125 8.59 4.29 -6.52
C VAL A 125 8.66 2.77 -6.44
N TYR A 126 7.70 2.15 -5.72
CA TYR A 126 7.70 0.69 -5.61
C TYR A 126 6.27 0.21 -5.37
N GLN A 127 6.09 -1.11 -5.46
CA GLN A 127 4.78 -1.75 -5.42
C GLN A 127 4.60 -2.46 -4.07
N CYS A 128 3.41 -2.28 -3.42
CA CYS A 128 3.04 -2.82 -2.11
C CYS A 128 1.69 -3.53 -2.16
N ALA A 129 1.50 -4.50 -1.28
CA ALA A 129 0.16 -5.02 -1.02
C ALA A 129 -0.31 -4.57 0.36
N MET A 130 -1.62 -4.35 0.50
CA MET A 130 -2.23 -4.24 1.83
C MET A 130 -2.37 -5.65 2.40
N ARG A 131 -1.67 -5.90 3.52
CA ARG A 131 -1.63 -7.23 4.13
C ARG A 131 -2.97 -7.52 4.79
N PRO A 132 -3.34 -8.82 4.92
CA PRO A 132 -4.58 -9.15 5.66
C PRO A 132 -4.67 -8.49 7.02
N ASN A 133 -3.54 -8.14 7.63
CA ASN A 133 -3.61 -7.49 8.95
C ASN A 133 -3.49 -5.98 8.87
N PHE A 134 -3.71 -5.40 7.69
CA PHE A 134 -3.82 -3.96 7.47
C PHE A 134 -2.49 -3.22 7.63
N THR A 135 -1.36 -3.92 7.64
CA THR A 135 -0.07 -3.27 7.55
C THR A 135 0.42 -3.40 6.11
N ILE A 136 1.48 -2.67 5.79
CA ILE A 136 2.15 -2.84 4.51
C ILE A 136 3.62 -3.00 4.83
N LYS A 137 4.33 -3.80 4.05
CA LYS A 137 5.74 -4.07 4.35
C LYS A 137 6.63 -3.13 3.53
N GLY A 138 6.53 -1.84 3.72
CA GLY A 138 7.15 -0.90 2.81
C GLY A 138 8.64 -0.66 3.05
N SER A 139 9.11 0.45 2.50
CA SER A 139 10.48 0.93 2.74
C SER A 139 10.37 2.42 2.99
N PHE A 140 10.51 2.82 4.26
CA PHE A 140 10.16 4.16 4.70
C PHE A 140 11.13 4.56 5.82
N LEU A 141 11.72 5.74 5.74
CA LEU A 141 12.52 6.28 6.85
C LEU A 141 11.84 7.52 7.42
N ASN A 142 12.46 8.08 8.46
CA ASN A 142 11.98 9.34 9.02
C ASN A 142 11.93 10.40 7.92
N GLY A 143 10.88 11.20 7.93
CA GLY A 143 10.61 12.12 6.85
C GLY A 143 9.66 11.61 5.80
N SER A 144 9.35 10.31 5.77
CA SER A 144 8.51 9.78 4.71
C SER A 144 7.01 9.95 4.93
N ALA A 145 6.55 10.31 6.14
CA ALA A 145 5.12 10.48 6.38
C ALA A 145 4.52 11.45 5.36
N GLY A 146 3.28 11.16 4.93
CA GLY A 146 2.66 11.94 3.88
C GLY A 146 2.91 11.42 2.48
N SER A 147 3.87 10.50 2.29
CA SER A 147 3.96 9.79 1.00
C SER A 147 2.66 9.03 0.78
N VAL A 148 2.26 8.94 -0.50
CA VAL A 148 0.97 8.32 -0.82
C VAL A 148 1.13 7.06 -1.66
N GLY A 149 0.13 6.19 -1.55
CA GLY A 149 0.00 5.01 -2.38
C GLY A 149 -1.18 5.25 -3.31
N PHE A 150 -1.11 4.66 -4.51
CA PHE A 150 -2.08 4.96 -5.54
C PHE A 150 -2.12 3.86 -6.59
N ASN A 151 -3.25 3.81 -7.30
CA ASN A 151 -3.38 3.08 -8.55
C ASN A 151 -3.81 4.05 -9.64
N ILE A 152 -3.53 3.70 -10.89
CA ILE A 152 -3.87 4.54 -12.03
C ILE A 152 -4.70 3.72 -13.02
N ASP A 153 -5.83 4.32 -13.39
CA ASP A 153 -6.81 3.77 -14.38
C ASP A 153 -6.91 4.81 -15.50
N TYR A 154 -6.51 4.43 -16.71
CA TYR A 154 -6.45 5.35 -17.83
C TYR A 154 -5.79 6.64 -17.37
N ASP A 155 -6.56 7.72 -17.20
CA ASP A 155 -6.00 9.00 -16.76
C ASP A 155 -6.24 9.28 -15.26
N CYS A 156 -6.97 8.40 -14.58
CA CYS A 156 -7.45 8.66 -13.21
C CYS A 156 -6.54 8.06 -12.14
N VAL A 157 -6.01 8.90 -11.28
CA VAL A 157 -5.24 8.46 -10.12
C VAL A 157 -6.21 8.20 -8.98
N SER A 158 -6.32 6.93 -8.53
CA SER A 158 -7.08 6.59 -7.31
C SER A 158 -6.11 6.53 -6.15
N PHE A 159 -6.08 7.58 -5.33
CA PHE A 159 -5.30 7.57 -4.10
C PHE A 159 -5.96 6.67 -3.07
N CYS A 160 -5.17 5.74 -2.52
CA CYS A 160 -5.67 4.81 -1.53
C CYS A 160 -4.92 4.82 -0.19
N TYR A 161 -3.74 5.41 -0.09
CA TYR A 161 -2.93 5.27 1.11
C TYR A 161 -2.15 6.55 1.34
N MET A 162 -2.12 7.01 2.60
CA MET A 162 -1.15 8.01 3.05
C MET A 162 -0.33 7.43 4.19
N HIS A 163 1.00 7.55 4.09
CA HIS A 163 1.88 6.95 5.10
C HIS A 163 1.91 7.76 6.40
N HIS A 164 1.81 7.06 7.54
CA HIS A 164 1.99 7.76 8.81
C HIS A 164 3.18 7.28 9.62
N MET A 165 3.44 5.97 9.74
CA MET A 165 4.28 5.59 10.85
C MET A 165 4.78 4.16 10.68
N GLU A 166 5.81 3.82 11.44
CA GLU A 166 6.38 2.49 11.43
C GLU A 166 6.11 1.80 12.76
N LEU A 167 5.63 0.54 12.70
CA LEU A 167 5.46 -0.31 13.86
C LEU A 167 6.80 -0.86 14.32
N PRO A 168 6.91 -1.28 15.59
CA PRO A 168 8.18 -1.87 16.06
C PRO A 168 8.68 -3.07 15.27
N THR A 169 7.79 -3.84 14.63
CA THR A 169 8.24 -5.01 13.88
C THR A 169 8.87 -4.61 12.54
N GLY A 170 8.86 -3.34 12.18
CA GLY A 170 9.43 -2.91 10.93
C GLY A 170 8.45 -2.72 9.80
N VAL A 171 7.17 -3.05 10.00
CA VAL A 171 6.14 -2.83 9.00
C VAL A 171 5.49 -1.47 9.20
N HIS A 172 4.61 -1.08 8.29
CA HIS A 172 4.17 0.31 8.14
C HIS A 172 2.66 0.40 8.22
N ALA A 173 2.16 1.56 8.65
CA ALA A 173 0.74 1.76 8.89
C ALA A 173 0.38 3.17 8.45
N GLY A 174 -0.84 3.34 7.97
CA GLY A 174 -1.29 4.64 7.54
C GLY A 174 -2.78 4.67 7.36
N THR A 175 -3.26 5.73 6.70
CA THR A 175 -4.69 6.00 6.52
C THR A 175 -5.08 5.96 5.05
N ASP A 176 -6.38 5.92 4.79
CA ASP A 176 -6.88 6.34 3.49
C ASP A 176 -6.80 7.86 3.42
N LEU A 177 -7.10 8.43 2.25
CA LEU A 177 -6.94 9.88 2.08
C LEU A 177 -8.01 10.68 2.80
N GLU A 178 -8.87 9.96 3.50
CA GLU A 178 -9.96 10.57 4.29
C GLU A 178 -9.52 10.60 5.75
N GLY A 179 -8.34 10.05 6.04
CA GLY A 179 -7.74 10.13 7.36
C GLY A 179 -8.06 9.00 8.30
N ASN A 180 -8.74 7.95 7.82
CA ASN A 180 -9.15 6.84 8.68
C ASN A 180 -8.10 5.75 8.61
N PHE A 181 -7.52 5.34 9.71
CA PHE A 181 -6.42 4.38 9.57
C PHE A 181 -6.86 3.03 9.00
N TYR A 182 -5.95 2.42 8.23
CA TYR A 182 -6.08 1.01 7.93
C TYR A 182 -5.65 0.20 9.16
N GLY A 183 -6.56 -0.63 9.66
CA GLY A 183 -6.22 -1.48 10.78
C GLY A 183 -6.38 -0.80 12.13
N PRO A 184 -6.17 -1.54 13.20
CA PRO A 184 -6.50 -1.04 14.56
C PRO A 184 -5.34 -0.25 15.18
N PHE A 185 -5.00 0.88 14.55
CA PHE A 185 -3.82 1.65 14.92
C PHE A 185 -4.22 3.10 15.14
N VAL A 186 -3.37 3.82 15.87
CA VAL A 186 -3.57 5.22 16.19
C VAL A 186 -2.26 5.95 15.99
N ASP A 187 -2.34 7.25 15.72
CA ASP A 187 -1.14 8.04 15.44
C ASP A 187 -0.57 8.61 16.75
N ARG A 188 0.02 7.69 17.52
CA ARG A 188 0.70 7.96 18.77
C ARG A 188 1.90 7.02 18.90
N GLN A 189 2.96 7.49 19.55
CA GLN A 189 4.19 6.71 19.71
C GLN A 189 4.12 5.81 20.95
N THR A 190 3.18 4.88 20.90
CA THR A 190 2.93 3.89 21.93
C THR A 190 3.21 2.50 21.40
N ALA A 191 3.13 1.52 22.30
CA ALA A 191 3.29 0.14 21.89
C ALA A 191 2.02 -0.32 21.18
N GLN A 192 2.14 -0.68 19.90
CA GLN A 192 1.03 -1.15 19.11
C GLN A 192 1.54 -2.32 18.29
N ALA A 193 0.73 -3.35 18.12
CA ALA A 193 1.17 -4.51 17.36
C ALA A 193 0.09 -4.92 16.36
N ALA A 194 0.52 -5.41 15.21
CA ALA A 194 -0.46 -5.93 14.27
C ALA A 194 -0.93 -7.30 14.71
N GLY A 195 -2.17 -7.64 14.33
CA GLY A 195 -2.61 -9.02 14.43
C GLY A 195 -1.75 -9.91 13.52
N THR A 196 -1.94 -11.21 13.69
CA THR A 196 -1.12 -12.16 12.94
C THR A 196 -1.48 -12.16 11.46
N ASP A 197 -0.49 -12.17 10.61
CA ASP A 197 -0.74 -12.08 9.18
C ASP A 197 -1.01 -13.48 8.61
N THR A 198 -1.64 -13.51 7.43
CA THR A 198 -1.87 -14.73 6.68
C THR A 198 -1.40 -14.49 5.26
N THR A 199 -1.33 -15.55 4.46
CA THR A 199 -0.87 -15.43 3.07
C THR A 199 -2.09 -15.27 2.16
N ILE A 200 -1.96 -14.43 1.13
CA ILE A 200 -3.10 -14.11 0.26
C ILE A 200 -3.16 -15.18 -0.83
N THR A 201 -4.02 -16.18 -0.62
CA THR A 201 -4.04 -17.36 -1.50
C THR A 201 -4.38 -17.00 -2.94
N VAL A 202 -5.39 -16.16 -3.16
CA VAL A 202 -5.74 -15.91 -4.56
C VAL A 202 -4.56 -15.32 -5.32
N ASN A 203 -3.73 -14.52 -4.63
CA ASN A 203 -2.57 -13.90 -5.28
C ASN A 203 -1.51 -14.96 -5.61
N VAL A 204 -1.28 -15.90 -4.69
CA VAL A 204 -0.29 -16.94 -4.95
C VAL A 204 -0.68 -17.73 -6.20
N LEU A 205 -1.95 -18.07 -6.33
CA LEU A 205 -2.43 -18.77 -7.51
C LEU A 205 -2.23 -17.92 -8.77
N ALA A 206 -2.58 -16.63 -8.70
CA ALA A 206 -2.38 -15.76 -9.86
C ALA A 206 -0.91 -15.74 -10.27
N TRP A 207 -0.01 -15.73 -9.30
CA TRP A 207 1.41 -15.71 -9.62
C TRP A 207 1.85 -17.06 -10.19
N LEU A 208 1.23 -18.17 -9.76
CA LEU A 208 1.50 -19.44 -10.44
C LEU A 208 1.06 -19.40 -11.89
N TYR A 209 -0.06 -18.76 -12.18
CA TYR A 209 -0.48 -18.60 -13.58
C TYR A 209 0.52 -17.74 -14.36
N ALA A 210 0.98 -16.64 -13.78
CA ALA A 210 2.02 -15.85 -14.45
C ALA A 210 3.23 -16.72 -14.78
N ALA A 211 3.60 -17.60 -13.86
CA ALA A 211 4.76 -18.47 -14.07
C ALA A 211 4.54 -19.39 -15.27
N VAL A 212 3.35 -20.03 -15.33
CA VAL A 212 3.03 -20.92 -16.45
C VAL A 212 3.01 -20.14 -17.75
N ILE A 213 2.44 -18.94 -17.74
CA ILE A 213 2.47 -18.10 -18.94
C ILE A 213 3.90 -17.82 -19.37
N ASN A 214 4.84 -17.76 -18.41
CA ASN A 214 6.24 -17.48 -18.74
C ASN A 214 7.11 -18.72 -18.88
N GLY A 215 6.52 -19.92 -18.95
CA GLY A 215 7.26 -21.12 -19.25
C GLY A 215 7.63 -21.99 -18.07
N ASP A 216 7.39 -21.56 -16.83
CA ASP A 216 7.65 -22.40 -15.66
C ASP A 216 6.49 -23.39 -15.49
N ARG A 217 6.75 -24.70 -15.73
CA ARG A 217 5.73 -25.74 -15.66
C ARG A 217 6.03 -26.87 -14.68
N TRP A 218 7.18 -26.87 -14.00
CA TRP A 218 7.60 -28.05 -13.26
C TRP A 218 6.68 -28.38 -12.09
N PHE A 219 6.01 -27.39 -11.50
CA PHE A 219 5.13 -27.66 -10.37
C PHE A 219 3.77 -28.17 -10.81
N LEU A 220 3.45 -28.15 -12.11
CA LEU A 220 2.16 -28.66 -12.53
C LEU A 220 2.04 -30.16 -12.29
N ASN A 221 0.81 -30.60 -12.10
CA ASN A 221 0.50 -32.01 -12.02
C ASN A 221 -0.88 -32.23 -12.62
N ARG A 222 -1.32 -33.47 -12.51
CA ARG A 222 -2.59 -33.89 -13.17
C ARG A 222 -3.70 -34.15 -12.15
N PHE A 223 -3.37 -34.19 -10.87
CA PHE A 223 -4.35 -34.29 -9.81
C PHE A 223 -5.26 -33.08 -9.86
N THR A 224 -6.48 -33.27 -9.38
CA THR A 224 -7.37 -32.18 -9.05
C THR A 224 -7.71 -32.34 -7.58
N THR A 225 -8.23 -31.27 -7.00
CA THR A 225 -8.69 -31.27 -5.62
C THR A 225 -10.02 -30.54 -5.58
N THR A 226 -10.79 -30.78 -4.53
CA THR A 226 -12.01 -30.01 -4.39
C THR A 226 -11.76 -28.73 -3.59
N LEU A 227 -12.66 -27.76 -3.76
CA LEU A 227 -12.54 -26.49 -3.07
C LEU A 227 -12.44 -26.67 -1.56
N ASN A 228 -13.30 -27.52 -0.97
CA ASN A 228 -13.23 -27.74 0.47
C ASN A 228 -11.94 -28.46 0.87
N ASP A 229 -11.50 -29.43 0.07
CA ASP A 229 -10.31 -30.17 0.49
C ASP A 229 -9.06 -29.33 0.35
N PHE A 230 -9.08 -28.36 -0.59
CA PHE A 230 -7.96 -27.42 -0.67
C PHE A 230 -7.95 -26.48 0.54
N ASN A 231 -9.12 -25.94 0.90
CA ASN A 231 -9.20 -25.03 2.03
C ASN A 231 -8.77 -25.68 3.35
N LEU A 232 -8.97 -26.99 3.48
CA LEU A 232 -8.44 -27.68 4.66
C LEU A 232 -6.93 -27.57 4.72
N VAL A 233 -6.27 -27.72 3.57
CA VAL A 233 -4.81 -27.60 3.50
C VAL A 233 -4.39 -26.14 3.68
N ALA A 234 -5.09 -25.22 3.02
CA ALA A 234 -4.82 -23.79 3.18
C ALA A 234 -4.76 -23.40 4.66
N MET A 235 -5.83 -23.69 5.40
CA MET A 235 -5.89 -23.31 6.80
C MET A 235 -4.71 -23.89 7.59
N LYS A 236 -4.22 -25.08 7.21
CA LYS A 236 -3.11 -25.69 7.93
C LYS A 236 -1.81 -24.91 7.77
N TYR A 237 -1.62 -24.25 6.63
CA TYR A 237 -0.40 -23.50 6.32
C TYR A 237 -0.57 -22.00 6.48
N ASN A 238 -1.61 -21.56 7.18
CA ASN A 238 -1.88 -20.13 7.39
C ASN A 238 -2.15 -19.38 6.08
N TYR A 239 -2.78 -20.02 5.10
CA TYR A 239 -3.30 -19.29 3.96
C TYR A 239 -4.78 -18.98 4.16
N GLU A 240 -5.22 -17.89 3.55
CA GLU A 240 -6.62 -17.57 3.66
C GLU A 240 -7.48 -18.49 2.81
N PRO A 241 -8.71 -18.75 3.26
CA PRO A 241 -9.64 -19.55 2.46
C PRO A 241 -9.79 -19.00 1.05
N LEU A 242 -9.93 -19.89 0.10
CA LEU A 242 -10.24 -19.55 -1.28
C LEU A 242 -11.75 -19.67 -1.48
N THR A 243 -12.34 -18.68 -2.12
CA THR A 243 -13.78 -18.64 -2.30
C THR A 243 -14.12 -18.88 -3.76
N GLN A 244 -15.40 -19.15 -4.00
CA GLN A 244 -15.84 -19.30 -5.38
C GLN A 244 -15.58 -18.04 -6.18
N ASP A 245 -15.70 -16.85 -5.54
CA ASP A 245 -15.46 -15.63 -6.30
C ASP A 245 -13.98 -15.48 -6.68
N HIS A 246 -13.07 -16.00 -5.86
CA HIS A 246 -11.66 -16.06 -6.26
C HIS A 246 -11.49 -16.94 -7.50
N VAL A 247 -12.17 -18.11 -7.52
CA VAL A 247 -12.12 -18.99 -8.68
C VAL A 247 -12.60 -18.26 -9.93
N ASP A 248 -13.69 -17.49 -9.80
CA ASP A 248 -14.19 -16.73 -10.95
C ASP A 248 -13.18 -15.68 -11.40
N ILE A 249 -12.61 -14.93 -10.46
CA ILE A 249 -11.66 -13.88 -10.83
C ILE A 249 -10.47 -14.46 -11.58
N LEU A 250 -10.09 -15.69 -11.25
CA LEU A 250 -8.98 -16.40 -11.90
C LEU A 250 -9.36 -16.98 -13.25
N GLY A 251 -10.62 -16.83 -13.67
CA GLY A 251 -11.13 -17.41 -14.89
C GLY A 251 -10.32 -17.05 -16.12
N PRO A 252 -10.10 -15.75 -16.36
CA PRO A 252 -9.30 -15.37 -17.52
C PRO A 252 -7.94 -16.05 -17.57
N LEU A 253 -7.23 -16.13 -16.44
CA LEU A 253 -5.94 -16.81 -16.40
C LEU A 253 -6.08 -18.32 -16.60
N SER A 254 -7.12 -18.92 -16.01
CA SER A 254 -7.38 -20.34 -16.27
C SER A 254 -7.65 -20.58 -17.75
N ALA A 255 -8.32 -19.64 -18.41
CA ALA A 255 -8.66 -19.81 -19.83
C ALA A 255 -7.42 -19.67 -20.70
N GLN A 256 -6.59 -18.64 -20.46
CA GLN A 256 -5.42 -18.42 -21.29
C GLN A 256 -4.44 -19.58 -21.20
N THR A 257 -4.31 -20.20 -20.02
CA THR A 257 -3.32 -21.26 -19.87
C THR A 257 -3.90 -22.66 -20.06
N GLY A 258 -5.22 -22.80 -20.03
CA GLY A 258 -5.81 -24.13 -20.05
C GLY A 258 -5.58 -24.96 -18.80
N ILE A 259 -5.19 -24.32 -17.69
CA ILE A 259 -5.03 -25.02 -16.42
C ILE A 259 -6.22 -24.60 -15.56
N ALA A 260 -7.10 -25.55 -15.23
CA ALA A 260 -8.27 -25.25 -14.44
C ALA A 260 -7.87 -24.77 -13.05
N VAL A 261 -8.68 -23.86 -12.48
CA VAL A 261 -8.29 -23.28 -11.19
C VAL A 261 -8.06 -24.37 -10.15
N LEU A 262 -9.00 -25.30 -10.03
CA LEU A 262 -8.84 -26.37 -9.05
C LEU A 262 -7.66 -27.31 -9.39
N ASP A 263 -7.23 -27.37 -10.65
CA ASP A 263 -5.99 -28.05 -10.98
C ASP A 263 -4.78 -27.32 -10.41
N MET A 264 -4.73 -26.00 -10.59
CA MET A 264 -3.69 -25.18 -10.00
C MET A 264 -3.64 -25.35 -8.48
N CYS A 265 -4.81 -25.46 -7.84
CA CYS A 265 -4.84 -25.64 -6.39
C CYS A 265 -4.13 -26.93 -5.99
N ALA A 266 -4.31 -28.00 -6.78
CA ALA A 266 -3.57 -29.22 -6.52
C ALA A 266 -2.06 -29.00 -6.56
N SER A 267 -1.57 -28.20 -7.53
CA SER A 267 -0.16 -27.84 -7.53
C SER A 267 0.23 -27.06 -6.26
N LEU A 268 -0.60 -26.09 -5.86
CA LEU A 268 -0.29 -25.31 -4.68
C LEU A 268 -0.21 -26.22 -3.47
N LYS A 269 -1.18 -27.12 -3.34
CA LYS A 269 -1.14 -28.03 -2.22
C LYS A 269 0.13 -28.79 -2.17
N GLU A 270 0.57 -29.25 -3.33
CA GLU A 270 1.80 -29.99 -3.37
C GLU A 270 2.98 -29.14 -2.94
N LEU A 271 3.05 -27.89 -3.40
CA LEU A 271 4.15 -27.00 -3.02
C LEU A 271 4.16 -26.73 -1.51
N LEU A 272 2.98 -26.59 -0.90
CA LEU A 272 2.93 -26.34 0.54
C LEU A 272 3.38 -27.57 1.32
N GLN A 273 3.02 -28.76 0.83
CA GLN A 273 3.31 -29.99 1.56
C GLN A 273 4.75 -30.44 1.37
N ASN A 274 5.34 -30.13 0.20
CA ASN A 274 6.64 -30.65 -0.21
C ASN A 274 7.73 -29.60 -0.30
N GLY A 275 7.39 -28.32 -0.30
CA GLY A 275 8.41 -27.36 -0.66
C GLY A 275 8.75 -27.43 -2.15
N MET A 276 9.79 -26.69 -2.50
CA MET A 276 10.14 -26.52 -3.90
C MET A 276 11.35 -27.36 -4.32
N ASN A 277 12.07 -27.94 -3.35
CA ASN A 277 13.14 -28.89 -3.62
C ASN A 277 14.24 -28.26 -4.49
N GLY A 278 14.63 -27.03 -4.14
CA GLY A 278 15.73 -26.36 -4.79
C GLY A 278 15.43 -25.76 -6.14
N ARG A 279 14.23 -25.97 -6.69
CA ARG A 279 13.84 -25.31 -7.92
C ARG A 279 13.23 -23.95 -7.58
N THR A 280 12.98 -23.14 -8.61
CA THR A 280 12.47 -21.80 -8.40
C THR A 280 11.34 -21.51 -9.38
N ILE A 281 10.58 -20.48 -9.05
CA ILE A 281 9.44 -20.03 -9.84
C ILE A 281 9.57 -18.53 -10.02
N LEU A 282 9.71 -18.09 -11.27
CA LEU A 282 9.80 -16.67 -11.58
C LEU A 282 10.89 -16.00 -10.73
N GLY A 283 12.03 -16.68 -10.60
CA GLY A 283 13.14 -16.19 -9.82
C GLY A 283 12.97 -16.19 -8.31
N SER A 284 11.93 -16.83 -7.77
CA SER A 284 11.75 -16.91 -6.32
C SER A 284 11.78 -18.35 -5.84
N ALA A 285 12.33 -18.56 -4.64
CA ALA A 285 12.23 -19.86 -3.98
C ALA A 285 11.14 -19.91 -2.93
N LEU A 286 10.36 -18.84 -2.78
CA LEU A 286 9.16 -18.83 -1.97
CA LEU A 286 9.16 -18.79 -1.96
C LEU A 286 7.96 -18.42 -2.80
N LEU A 287 6.77 -18.72 -2.27
CA LEU A 287 5.53 -18.45 -2.97
C LEU A 287 5.18 -16.97 -2.78
N GLU A 288 5.09 -16.21 -3.87
CA GLU A 288 4.85 -14.78 -3.80
CA GLU A 288 4.85 -14.78 -3.81
C GLU A 288 3.36 -14.49 -3.75
N ASP A 289 2.95 -13.63 -2.81
CA ASP A 289 1.50 -13.32 -2.66
C ASP A 289 1.20 -11.83 -2.85
N GLU A 290 2.06 -11.08 -3.53
CA GLU A 290 1.80 -9.66 -3.66
C GLU A 290 1.51 -9.25 -5.09
N PHE A 291 1.04 -10.18 -5.92
CA PHE A 291 0.52 -9.86 -7.24
C PHE A 291 -0.95 -10.26 -7.26
N THR A 292 -1.85 -9.33 -7.57
CA THR A 292 -3.24 -9.70 -7.78
C THR A 292 -3.45 -10.34 -9.16
N PRO A 293 -4.58 -11.04 -9.36
CA PRO A 293 -4.92 -11.49 -10.73
C PRO A 293 -4.88 -10.37 -11.76
N PHE A 294 -5.41 -9.20 -11.39
CA PHE A 294 -5.32 -8.01 -12.24
C PHE A 294 -3.88 -7.64 -12.57
N ASP A 295 -2.99 -7.70 -11.57
CA ASP A 295 -1.60 -7.32 -11.85
C ASP A 295 -0.99 -8.26 -12.88
N VAL A 296 -1.35 -9.55 -12.82
CA VAL A 296 -0.80 -10.54 -13.75
C VAL A 296 -1.30 -10.28 -15.17
N VAL A 297 -2.62 -10.23 -15.34
CA VAL A 297 -3.22 -9.87 -16.62
C VAL A 297 -2.62 -8.60 -17.17
N ARG A 298 -2.33 -7.62 -16.31
CA ARG A 298 -1.77 -6.35 -16.76
C ARG A 298 -0.40 -6.53 -17.42
N GLN A 299 0.52 -7.26 -16.78
CA GLN A 299 1.84 -7.44 -17.40
C GLN A 299 1.83 -8.43 -18.54
N CYS A 300 1.29 -9.63 -18.30
CA CYS A 300 1.43 -10.70 -19.28
C CYS A 300 0.54 -10.53 -20.51
N SER A 301 -0.23 -9.43 -20.58
CA SER A 301 -1.25 -9.19 -21.60
C SER A 301 -1.23 -7.70 -22.02
N ALA B 1 6.51 2.54 21.15
CA ALA B 1 7.60 2.11 20.29
C ALA B 1 7.27 2.34 18.81
N VAL B 2 6.02 2.66 18.50
CA VAL B 2 5.70 3.19 17.18
C VAL B 2 6.48 4.49 16.98
N LYS B 3 6.94 4.70 15.74
CA LYS B 3 7.65 5.91 15.33
C LYS B 3 6.82 6.61 14.26
N LEU B 4 6.23 7.76 14.60
CA LEU B 4 5.68 8.65 13.57
C LEU B 4 6.78 9.15 12.66
N GLN B 5 6.58 9.01 11.35
CA GLN B 5 7.72 9.20 10.44
C GLN B 5 7.76 10.57 9.74
N ASN B 6 7.46 11.55 10.57
CA ASN B 6 7.90 12.91 10.18
C ASN B 6 9.44 12.91 10.37
N ASN B 7 10.03 14.09 10.22
CA ASN B 7 11.47 14.35 10.37
C ASN B 7 11.72 15.58 11.24
N GLU B 8 12.90 15.57 11.86
CA GLU B 8 13.42 16.64 12.76
C GLU B 8 12.31 17.14 13.69
#